data_5IKK
#
_entry.id   5IKK
#
_cell.length_a   60.487
_cell.length_b   187.259
_cell.length_c   142.633
_cell.angle_alpha   90.00
_cell.angle_beta   90.00
_cell.angle_gamma   90.00
#
_symmetry.space_group_name_H-M   'C 2 2 21'
#
loop_
_entity.id
_entity.type
_entity.pdbx_description
1 polymer 'Histone deacetylase clr3'
2 non-polymer 'ZINC ION'
3 non-polymer 'POTASSIUM ION'
4 non-polymer 'NITRATE ION'
5 non-polymer 1,2-ETHANEDIOL
6 non-polymer 'SULFATE ION'
7 non-polymer 'MAGNESIUM ION'
8 water water
#
_entity_poly.entity_id   1
_entity_poly.type   'polypeptide(L)'
_entity_poly.pdbx_seq_one_letter_code
;TNNKPMSGSENTLNNESHEMSQILKKSGLCYDPRMRFHATLSEVDDHPEDPRRVLRVFEAIKKAGYVSNVPSPSDVFLRI
PAREATLEELLQVHSQEMYDRVTNTEKMSHEDLANLEKISDSLYYNNESAFCARLACGSAIETCTAVVTGQVKNAFAVVR
PPGHHAEPHKPGGFCLFNNVSVTARSMLQRFPDKIKRVLIVDWDIHHGNGTQMAFYDDPNVLYVSLHRYENGRFYPGTNY
GCAENCGEGPGLGRTVNIPWSCAGMGDGDYIYAFQRVVMPVAYEFDPDLVIVSCGFDAAAGDHIGQFLLTPAAYAHMTQM
LMGLADGKVFISLEGGYNLDSISTSALAVAQSLLGIPPGRLHTTYACPQAVATINHVTKIQSQYWRCMRPKHFDANPKDA
HVDRLHDVIRTYQAKKLFEDWKITNMPILRDSVSNVFNNQVLCSSNFFQKDNLLVIVHESPRVLGNGTSETNVLNLNDSL
LVDPVSLYVEWAMQQDWGLIDINIPEVVTDGENAPVDILSEVKELCLYVWDNYVELSISKNIFFIGGGKAVHGLVNLASS
RNVSDRVKCMVNFLGTEPLVGLKTASEEDLPTWYYRHSLVFVSSSNECWKKAKRAKRRYGRLMQSEHTETSDMMEQHYRA
VTQYLLHLLQKARPTSQ
;
_entity_poly.pdbx_strand_id   A
#
loop_
_chem_comp.id
_chem_comp.type
_chem_comp.name
_chem_comp.formula
EDO non-polymer 1,2-ETHANEDIOL 'C2 H6 O2'
K non-polymer 'POTASSIUM ION' 'K 1'
MG non-polymer 'MAGNESIUM ION' 'Mg 2'
NO3 non-polymer 'NITRATE ION' 'N O3 -1'
SO4 non-polymer 'SULFATE ION' 'O4 S -2'
ZN non-polymer 'ZINC ION' 'Zn 2'
#
# COMPACT_ATOMS: atom_id res chain seq x y z
N LEU A 24 29.25 -15.83 -24.34
CA LEU A 24 28.20 -14.94 -23.88
C LEU A 24 27.17 -14.70 -24.97
N LYS A 25 25.95 -15.18 -24.76
CA LYS A 25 24.88 -15.02 -25.73
C LYS A 25 24.46 -13.56 -25.87
N LYS A 26 24.08 -13.18 -27.09
CA LYS A 26 23.53 -11.86 -27.34
C LYS A 26 22.07 -11.79 -26.88
N SER A 27 21.54 -10.58 -26.86
CA SER A 27 20.11 -10.36 -26.60
C SER A 27 19.39 -10.18 -27.93
N GLY A 28 18.10 -10.48 -27.95
CA GLY A 28 17.29 -10.38 -29.16
C GLY A 28 16.53 -9.07 -29.25
N LEU A 29 16.32 -8.61 -30.49
CA LEU A 29 15.57 -7.38 -30.73
C LEU A 29 14.77 -7.53 -32.01
N CYS A 30 13.44 -7.44 -31.90
CA CYS A 30 12.55 -7.52 -33.04
C CYS A 30 11.94 -6.15 -33.33
N TYR A 31 12.07 -5.69 -34.57
CA TYR A 31 11.68 -4.33 -34.94
C TYR A 31 11.34 -4.26 -36.43
N ASP A 32 10.12 -3.83 -36.72
CA ASP A 32 9.64 -3.74 -38.10
C ASP A 32 8.62 -2.60 -38.20
N PRO A 33 9.11 -1.35 -38.21
CA PRO A 33 8.25 -0.15 -38.09
C PRO A 33 7.26 0.04 -39.24
N ARG A 34 7.69 -0.15 -40.48
CA ARG A 34 6.81 0.06 -41.63
C ARG A 34 6.25 1.47 -41.66
N MET A 35 7.12 2.47 -41.55
CA MET A 35 6.67 3.86 -41.44
C MET A 35 5.89 4.33 -42.66
N ARG A 36 6.34 3.94 -43.84
CA ARG A 36 5.67 4.34 -45.08
C ARG A 36 4.26 3.74 -45.16
N PHE A 37 4.13 2.48 -44.81
CA PHE A 37 2.83 1.82 -44.78
C PHE A 37 1.91 2.48 -43.77
N HIS A 38 2.48 2.91 -42.65
CA HIS A 38 1.71 3.51 -41.57
C HIS A 38 1.22 4.92 -41.93
N ALA A 39 1.86 5.53 -42.92
CA ALA A 39 1.45 6.86 -43.38
C ALA A 39 0.17 6.79 -44.20
N THR A 40 -0.23 5.58 -44.57
CA THR A 40 -1.44 5.36 -45.37
C THR A 40 -2.68 5.32 -44.48
N LEU A 41 -2.50 4.88 -43.25
CA LEU A 41 -3.62 4.68 -42.33
C LEU A 41 -4.20 6.00 -41.84
N SER A 42 -5.52 6.03 -41.67
CA SER A 42 -6.21 7.21 -41.19
C SER A 42 -7.61 6.84 -40.70
N GLU A 43 -8.02 7.45 -39.60
CA GLU A 43 -9.33 7.18 -39.00
C GLU A 43 -9.47 5.71 -38.64
N HIS A 47 -5.61 3.13 -36.89
CA HIS A 47 -4.38 2.85 -36.15
C HIS A 47 -4.22 3.84 -35.00
N PRO A 48 -5.06 3.71 -33.96
CA PRO A 48 -4.96 4.59 -32.79
C PRO A 48 -3.59 4.48 -32.11
N GLU A 49 -2.93 3.34 -32.28
CA GLU A 49 -1.56 3.15 -31.83
C GLU A 49 -0.65 4.11 -32.60
N ASP A 50 0.16 4.87 -31.87
CA ASP A 50 1.07 5.83 -32.49
C ASP A 50 2.28 5.10 -33.08
N PRO A 51 2.42 5.12 -34.41
CA PRO A 51 3.50 4.33 -35.03
C PRO A 51 4.92 4.77 -34.65
N ARG A 52 5.08 5.99 -34.18
CA ARG A 52 6.41 6.48 -33.80
C ARG A 52 6.81 6.05 -32.39
N ARG A 53 5.96 5.28 -31.72
CA ARG A 53 6.30 4.72 -30.42
C ARG A 53 7.49 3.77 -30.55
N VAL A 54 7.36 2.80 -31.45
CA VAL A 54 8.44 1.84 -31.68
C VAL A 54 9.66 2.53 -32.28
N LEU A 55 9.41 3.58 -33.06
CA LEU A 55 10.49 4.33 -33.70
C LEU A 55 11.39 4.99 -32.65
N ARG A 56 10.79 5.61 -31.64
CA ARG A 56 11.53 6.29 -30.60
C ARG A 56 12.33 5.32 -29.74
N VAL A 57 11.74 4.14 -29.46
CA VAL A 57 12.43 3.12 -28.68
C VAL A 57 13.68 2.64 -29.42
N PHE A 58 13.52 2.26 -30.69
CA PHE A 58 14.63 1.78 -31.48
C PHE A 58 15.73 2.83 -31.62
N GLU A 59 15.32 4.08 -31.88
CA GLU A 59 16.26 5.18 -32.03
C GLU A 59 17.10 5.40 -30.77
N ALA A 60 16.49 5.26 -29.61
CA ALA A 60 17.19 5.45 -28.35
C ALA A 60 18.23 4.35 -28.14
N ILE A 61 17.86 3.12 -28.49
CA ILE A 61 18.76 1.98 -28.37
C ILE A 61 19.92 2.11 -29.35
N LYS A 62 19.62 2.65 -30.54
CA LYS A 62 20.61 2.84 -31.58
C LYS A 62 21.60 3.95 -31.24
N LYS A 63 21.07 5.07 -30.75
CA LYS A 63 21.89 6.20 -30.33
C LYS A 63 22.90 5.79 -29.25
N ALA A 64 22.52 4.83 -28.43
CA ALA A 64 23.41 4.31 -27.38
C ALA A 64 24.48 3.41 -27.97
N GLY A 65 24.24 2.91 -29.18
CA GLY A 65 25.21 2.09 -29.89
C GLY A 65 25.05 0.61 -29.65
N TYR A 66 23.84 0.17 -29.30
CA TYR A 66 23.56 -1.23 -29.04
C TYR A 66 23.03 -1.94 -30.30
N VAL A 67 22.55 -1.15 -31.26
CA VAL A 67 21.98 -1.68 -32.49
C VAL A 67 22.27 -0.73 -33.65
N SER A 68 22.29 -1.27 -34.87
CA SER A 68 22.54 -0.48 -36.06
C SER A 68 21.39 -0.61 -37.07
N ASN A 69 21.21 0.42 -37.89
CA ASN A 69 20.24 0.35 -38.99
C ASN A 69 20.56 -0.83 -39.90
N VAL A 70 21.84 -1.00 -40.20
CA VAL A 70 22.33 -2.16 -40.92
C VAL A 70 22.84 -3.17 -39.89
N PRO A 71 22.05 -4.23 -39.61
CA PRO A 71 22.42 -5.16 -38.54
C PRO A 71 23.82 -5.78 -38.73
N SER A 72 24.65 -5.68 -37.70
CA SER A 72 26.02 -6.16 -37.75
C SER A 72 26.24 -7.27 -36.72
N PRO A 73 27.22 -8.16 -36.98
CA PRO A 73 27.58 -9.15 -35.96
C PRO A 73 28.24 -8.51 -34.74
N SER A 74 28.59 -7.23 -34.84
CA SER A 74 29.20 -6.51 -33.73
C SER A 74 28.15 -5.97 -32.76
N ASP A 75 26.92 -5.84 -33.23
CA ASP A 75 25.82 -5.37 -32.38
C ASP A 75 25.58 -6.31 -31.21
N VAL A 76 25.43 -5.75 -30.02
CA VAL A 76 25.16 -6.52 -28.83
C VAL A 76 23.73 -7.04 -28.83
N PHE A 77 22.87 -6.38 -29.62
CA PHE A 77 21.53 -6.88 -29.89
C PHE A 77 21.50 -7.64 -31.22
N LEU A 78 21.07 -8.90 -31.15
CA LEU A 78 20.86 -9.71 -32.35
C LEU A 78 19.49 -9.38 -32.91
N ARG A 79 19.45 -9.04 -34.20
CA ARG A 79 18.21 -8.65 -34.85
C ARG A 79 17.38 -9.87 -35.24
N ILE A 80 16.16 -9.95 -34.71
CA ILE A 80 15.25 -11.05 -34.99
C ILE A 80 14.18 -10.61 -35.98
N PRO A 81 14.04 -11.30 -37.13
CA PRO A 81 13.07 -10.84 -38.14
C PRO A 81 11.62 -10.97 -37.69
N ALA A 82 10.81 -9.97 -38.01
CA ALA A 82 9.39 -9.98 -37.66
C ALA A 82 8.64 -11.04 -38.45
N ARG A 83 7.51 -11.49 -37.90
CA ARG A 83 6.71 -12.56 -38.49
C ARG A 83 5.23 -12.24 -38.45
N GLU A 84 4.49 -12.79 -39.41
CA GLU A 84 3.04 -12.77 -39.38
C GLU A 84 2.50 -14.05 -38.74
N ALA A 85 1.59 -13.92 -37.80
CA ALA A 85 0.95 -15.07 -37.20
C ALA A 85 0.00 -15.72 -38.20
N THR A 86 0.12 -17.04 -38.37
CA THR A 86 -0.71 -17.76 -39.33
C THR A 86 -2.01 -18.21 -38.68
N LEU A 87 -3.00 -18.54 -39.51
CA LEU A 87 -4.30 -18.96 -39.02
C LEU A 87 -4.22 -20.32 -38.34
N GLU A 88 -3.50 -21.25 -38.95
CA GLU A 88 -3.32 -22.58 -38.39
C GLU A 88 -2.58 -22.51 -37.06
N GLU A 89 -1.58 -21.64 -36.99
CA GLU A 89 -0.78 -21.45 -35.78
C GLU A 89 -1.65 -21.02 -34.60
N LEU A 90 -2.50 -20.03 -34.84
CA LEU A 90 -3.32 -19.46 -33.78
C LEU A 90 -4.48 -20.39 -33.40
N LEU A 91 -4.93 -21.19 -34.36
CA LEU A 91 -5.98 -22.17 -34.11
C LEU A 91 -5.47 -23.25 -33.17
N GLN A 92 -4.19 -23.57 -33.29
CA GLN A 92 -3.56 -24.57 -32.44
C GLN A 92 -3.56 -24.13 -30.98
N VAL A 93 -3.25 -22.86 -30.76
CA VAL A 93 -3.21 -22.31 -29.40
C VAL A 93 -4.57 -22.41 -28.72
N HIS A 94 -5.61 -21.93 -29.39
CA HIS A 94 -6.95 -21.93 -28.81
C HIS A 94 -7.51 -23.34 -28.65
N SER A 95 -7.03 -24.28 -29.47
CA SER A 95 -7.56 -25.64 -29.50
C SER A 95 -6.77 -26.60 -28.62
N GLN A 96 -5.45 -26.50 -28.67
CA GLN A 96 -4.59 -27.44 -27.95
C GLN A 96 -4.76 -27.35 -26.44
N GLU A 97 -5.13 -26.17 -25.94
CA GLU A 97 -5.33 -25.98 -24.51
C GLU A 97 -6.64 -26.64 -24.07
N MET A 98 -7.63 -26.62 -24.95
CA MET A 98 -8.89 -27.31 -24.71
C MET A 98 -8.64 -28.81 -24.64
N TYR A 99 -7.71 -29.29 -25.47
CA TYR A 99 -7.33 -30.70 -25.48
C TYR A 99 -6.68 -31.07 -24.14
N ASP A 100 -5.78 -30.22 -23.67
CA ASP A 100 -5.12 -30.44 -22.39
C ASP A 100 -6.07 -30.08 -21.24
N LYS A 107 -14.27 -31.68 -18.03
CA LYS A 107 -14.13 -32.55 -19.20
C LYS A 107 -14.53 -31.79 -20.46
N MET A 108 -14.79 -32.53 -21.53
CA MET A 108 -15.17 -31.97 -22.82
C MET A 108 -16.38 -31.04 -22.71
N SER A 109 -16.35 -29.94 -23.43
CA SER A 109 -17.42 -28.95 -23.42
C SER A 109 -17.53 -28.26 -24.77
N HIS A 110 -18.72 -28.31 -25.37
CA HIS A 110 -18.94 -27.72 -26.68
C HIS A 110 -18.65 -26.23 -26.70
N GLU A 111 -18.99 -25.54 -25.62
CA GLU A 111 -18.76 -24.11 -25.52
C GLU A 111 -17.27 -23.80 -25.34
N ASP A 112 -16.46 -24.86 -25.19
CA ASP A 112 -15.01 -24.71 -25.02
C ASP A 112 -14.27 -25.05 -26.31
N LEU A 113 -15.01 -25.35 -27.37
CA LEU A 113 -14.40 -25.68 -28.66
C LEU A 113 -13.99 -24.45 -29.44
N ALA A 114 -12.90 -24.57 -30.20
CA ALA A 114 -12.37 -23.46 -30.99
C ALA A 114 -13.35 -23.06 -32.09
N ASN A 115 -13.59 -21.76 -32.22
CA ASN A 115 -14.48 -21.22 -33.23
C ASN A 115 -13.69 -20.58 -34.37
N LEU A 116 -13.82 -21.13 -35.56
CA LEU A 116 -13.02 -20.71 -36.70
C LEU A 116 -13.35 -19.28 -37.15
N GLU A 117 -14.63 -18.90 -37.05
CA GLU A 117 -15.06 -17.58 -37.49
C GLU A 117 -14.43 -16.47 -36.64
N LYS A 118 -14.46 -16.65 -35.33
CA LYS A 118 -13.93 -15.65 -34.41
C LYS A 118 -12.41 -15.54 -34.49
N ILE A 119 -11.73 -16.69 -34.47
CA ILE A 119 -10.27 -16.72 -34.53
C ILE A 119 -9.78 -16.07 -35.84
N SER A 120 -10.59 -16.18 -36.89
CA SER A 120 -10.20 -15.66 -38.20
C SER A 120 -10.41 -14.15 -38.29
N ASP A 121 -11.51 -13.66 -37.76
CA ASP A 121 -11.84 -12.24 -37.84
C ASP A 121 -10.87 -11.39 -37.01
N SER A 122 -10.19 -12.02 -36.05
CA SER A 122 -9.21 -11.32 -35.24
C SER A 122 -7.90 -11.13 -35.99
N LEU A 123 -7.64 -12.03 -36.95
CA LEU A 123 -6.41 -12.03 -37.70
C LEU A 123 -6.60 -11.43 -39.08
N TYR A 124 -7.77 -11.66 -39.67
CA TYR A 124 -8.10 -11.15 -41.00
C TYR A 124 -9.46 -10.46 -41.03
N TYR A 125 -9.48 -9.18 -40.66
CA TYR A 125 -10.69 -8.37 -40.78
C TYR A 125 -10.51 -7.36 -41.92
N ASN A 126 -11.56 -6.61 -42.21
CA ASN A 126 -11.63 -5.78 -43.41
C ASN A 126 -10.52 -4.73 -43.49
N ASN A 127 -10.32 -3.97 -42.43
CA ASN A 127 -9.36 -2.88 -42.44
C ASN A 127 -7.93 -3.38 -42.63
N GLU A 128 -7.08 -2.52 -43.19
CA GLU A 128 -5.70 -2.88 -43.47
C GLU A 128 -4.83 -2.86 -42.20
N SER A 129 -5.42 -2.44 -41.09
CA SER A 129 -4.73 -2.50 -39.80
C SER A 129 -4.54 -3.95 -39.36
N ALA A 130 -5.26 -4.86 -40.01
CA ALA A 130 -5.18 -6.28 -39.70
C ALA A 130 -3.76 -6.79 -39.84
N PHE A 131 -3.02 -6.24 -40.80
CA PHE A 131 -1.64 -6.63 -41.04
C PHE A 131 -0.78 -6.43 -39.80
N CYS A 132 -1.03 -5.34 -39.07
CA CYS A 132 -0.26 -5.02 -37.86
C CYS A 132 -0.60 -5.99 -36.74
N ALA A 133 -1.86 -6.43 -36.69
CA ALA A 133 -2.28 -7.39 -35.68
C ALA A 133 -1.56 -8.72 -35.88
N ARG A 134 -1.51 -9.15 -37.14
CA ARG A 134 -0.83 -10.40 -37.49
C ARG A 134 0.67 -10.30 -37.23
N LEU A 135 1.24 -9.15 -37.58
CA LEU A 135 2.68 -8.94 -37.47
C LEU A 135 3.12 -8.86 -36.00
N ALA A 136 2.31 -8.22 -35.18
CA ALA A 136 2.62 -8.06 -33.77
C ALA A 136 2.51 -9.39 -33.03
N CYS A 137 1.47 -10.15 -33.33
CA CYS A 137 1.25 -11.43 -32.69
C CYS A 137 2.33 -12.44 -33.06
N GLY A 138 2.64 -12.52 -34.36
CA GLY A 138 3.63 -13.46 -34.84
C GLY A 138 5.04 -13.14 -34.37
N SER A 139 5.35 -11.84 -34.31
CA SER A 139 6.68 -11.40 -33.93
C SER A 139 6.95 -11.65 -32.44
N ALA A 140 5.89 -11.60 -31.63
CA ALA A 140 6.01 -11.90 -30.21
C ALA A 140 6.34 -13.38 -30.02
N ILE A 141 5.67 -14.23 -30.78
CA ILE A 141 5.92 -15.67 -30.72
C ILE A 141 7.33 -15.99 -31.20
N GLU A 142 7.74 -15.36 -32.30
CA GLU A 142 9.05 -15.60 -32.89
C GLU A 142 10.16 -15.12 -31.96
N THR A 143 9.99 -13.94 -31.38
CA THR A 143 10.99 -13.35 -30.51
C THR A 143 11.16 -14.19 -29.24
N CYS A 144 10.03 -14.61 -28.65
CA CYS A 144 10.08 -15.42 -27.44
C CYS A 144 10.66 -16.81 -27.73
N THR A 145 10.37 -17.35 -28.91
CA THR A 145 10.94 -18.63 -29.33
C THR A 145 12.46 -18.59 -29.34
N ALA A 146 13.02 -17.48 -29.79
CA ALA A 146 14.47 -17.32 -29.83
C ALA A 146 15.08 -17.41 -28.43
N VAL A 147 14.31 -17.01 -27.43
CA VAL A 147 14.75 -17.09 -26.04
C VAL A 147 14.67 -18.51 -25.53
N VAL A 148 13.52 -19.16 -25.77
CA VAL A 148 13.28 -20.51 -25.28
C VAL A 148 14.26 -21.52 -25.90
N THR A 149 14.52 -21.38 -27.20
CA THR A 149 15.42 -22.28 -27.89
C THR A 149 16.88 -22.03 -27.50
N GLY A 150 17.12 -20.91 -26.81
CA GLY A 150 18.46 -20.59 -26.33
C GLY A 150 19.31 -19.90 -27.37
N GLN A 151 18.70 -19.48 -28.48
CA GLN A 151 19.40 -18.74 -29.52
C GLN A 151 19.94 -17.43 -28.96
N VAL A 152 19.16 -16.82 -28.08
CA VAL A 152 19.56 -15.60 -27.38
C VAL A 152 19.32 -15.76 -25.88
N LYS A 153 19.99 -14.95 -25.07
CA LYS A 153 19.84 -15.00 -23.63
C LYS A 153 18.47 -14.46 -23.23
N ASN A 154 18.08 -13.36 -23.85
CA ASN A 154 16.81 -12.71 -23.60
C ASN A 154 16.45 -11.86 -24.80
N ALA A 155 15.27 -11.26 -24.82
CA ALA A 155 14.83 -10.53 -26.00
C ALA A 155 13.83 -9.42 -25.68
N PHE A 156 13.73 -8.48 -26.62
CA PHE A 156 12.86 -7.34 -26.51
C PHE A 156 12.11 -7.16 -27.83
N ALA A 157 10.82 -7.45 -27.83
CA ALA A 157 9.99 -7.28 -29.03
C ALA A 157 9.46 -5.85 -29.09
N VAL A 158 9.84 -5.12 -30.13
CA VAL A 158 9.39 -3.75 -30.34
C VAL A 158 8.52 -3.69 -31.60
N VAL A 159 7.42 -4.43 -31.56
CA VAL A 159 6.48 -4.50 -32.67
C VAL A 159 5.06 -4.42 -32.09
N ARG A 160 4.32 -3.39 -32.48
CA ARG A 160 3.07 -3.06 -31.81
C ARG A 160 1.82 -3.35 -32.64
N PRO A 161 0.73 -3.76 -31.99
CA PRO A 161 -0.56 -3.94 -32.67
C PRO A 161 -1.23 -2.60 -32.96
N PRO A 162 -2.30 -2.60 -33.76
CA PRO A 162 -2.98 -1.37 -34.16
C PRO A 162 -3.94 -0.80 -33.11
N GLY A 163 -4.60 -1.67 -32.37
CA GLY A 163 -5.69 -1.27 -31.51
C GLY A 163 -5.28 -0.41 -30.33
N HIS A 164 -6.28 0.06 -29.57
CA HIS A 164 -6.04 0.81 -28.36
C HIS A 164 -5.29 -0.06 -27.35
N HIS A 165 -4.67 0.60 -26.38
CA HIS A 165 -4.02 -0.08 -25.28
C HIS A 165 -4.99 -0.24 -24.11
N ALA A 166 -5.00 -1.42 -23.50
CA ALA A 166 -5.90 -1.73 -22.41
C ALA A 166 -7.36 -1.52 -22.81
N LEU A 176 -10.39 -15.15 -26.98
CA LEU A 176 -9.57 -14.15 -27.65
C LEU A 176 -8.38 -13.75 -26.78
N PHE A 177 -7.21 -14.31 -27.09
CA PHE A 177 -6.00 -14.05 -26.32
C PHE A 177 -5.24 -12.85 -26.87
N ASN A 178 -4.63 -12.08 -25.98
CA ASN A 178 -3.72 -10.99 -26.39
C ASN A 178 -2.34 -11.58 -26.69
N ASN A 179 -1.40 -10.73 -27.08
CA ASN A 179 -0.08 -11.21 -27.51
C ASN A 179 0.68 -11.95 -26.41
N VAL A 180 0.69 -11.38 -25.21
CA VAL A 180 1.38 -11.99 -24.08
C VAL A 180 0.79 -13.36 -23.77
N SER A 181 -0.53 -13.45 -23.80
CA SER A 181 -1.23 -14.71 -23.49
C SER A 181 -0.99 -15.76 -24.57
N VAL A 182 -1.10 -15.36 -25.83
CA VAL A 182 -0.85 -16.25 -26.96
C VAL A 182 0.58 -16.78 -26.90
N THR A 183 1.52 -15.90 -26.63
CA THR A 183 2.93 -16.27 -26.55
C THR A 183 3.16 -17.26 -25.42
N ALA A 184 2.64 -16.94 -24.24
CA ALA A 184 2.81 -17.80 -23.07
C ALA A 184 2.27 -19.21 -23.33
N ARG A 185 1.04 -19.29 -23.81
CA ARG A 185 0.41 -20.58 -24.07
C ARG A 185 1.16 -21.34 -25.17
N SER A 186 1.63 -20.61 -26.17
CA SER A 186 2.34 -21.21 -27.30
C SER A 186 3.63 -21.88 -26.87
N MET A 187 4.37 -21.25 -25.96
CA MET A 187 5.64 -21.80 -25.49
C MET A 187 5.42 -23.07 -24.67
N LEU A 188 4.39 -23.07 -23.83
CA LEU A 188 4.05 -24.23 -23.02
C LEU A 188 3.68 -25.43 -23.90
N GLN A 189 3.13 -25.15 -25.08
CA GLN A 189 2.66 -26.19 -25.98
C GLN A 189 3.77 -26.75 -26.87
N ARG A 190 4.65 -25.87 -27.36
CA ARG A 190 5.66 -26.26 -28.33
C ARG A 190 6.91 -26.86 -27.69
N PHE A 191 7.25 -26.39 -26.50
CA PHE A 191 8.47 -26.82 -25.82
C PHE A 191 8.17 -27.33 -24.42
N PRO A 192 7.39 -28.43 -24.33
CA PRO A 192 6.92 -28.96 -23.05
C PRO A 192 8.03 -29.57 -22.20
N ASP A 193 9.16 -29.91 -22.81
CA ASP A 193 10.25 -30.53 -22.08
C ASP A 193 11.13 -29.48 -21.39
N LYS A 194 11.07 -28.24 -21.86
CA LYS A 194 11.87 -27.16 -21.29
C LYS A 194 11.02 -26.15 -20.53
N ILE A 195 9.81 -25.90 -21.03
CA ILE A 195 8.92 -24.92 -20.43
C ILE A 195 7.66 -25.59 -19.88
N LYS A 196 7.54 -25.58 -18.55
CA LYS A 196 6.39 -26.16 -17.87
C LYS A 196 5.71 -25.14 -16.96
N ARG A 197 6.44 -24.07 -16.63
CA ARG A 197 5.90 -22.99 -15.82
C ARG A 197 6.33 -21.63 -16.37
N VAL A 198 5.34 -20.78 -16.62
CA VAL A 198 5.59 -19.44 -17.14
C VAL A 198 5.17 -18.39 -16.13
N LEU A 199 6.04 -17.41 -15.91
CA LEU A 199 5.72 -16.26 -15.07
C LEU A 199 5.43 -15.05 -15.96
N ILE A 200 4.30 -14.40 -15.71
CA ILE A 200 3.96 -13.16 -16.40
C ILE A 200 3.96 -12.00 -15.39
N VAL A 201 4.86 -11.04 -15.61
CA VAL A 201 4.93 -9.83 -14.79
C VAL A 201 4.39 -8.66 -15.59
N ASP A 202 3.35 -8.02 -15.07
CA ASP A 202 2.68 -6.92 -15.76
C ASP A 202 2.84 -5.64 -14.96
N TRP A 203 3.73 -4.75 -15.40
CA TRP A 203 3.98 -3.52 -14.69
C TRP A 203 3.52 -2.29 -15.47
N ASP A 204 2.68 -2.50 -16.48
CA ASP A 204 1.85 -1.43 -17.02
C ASP A 204 0.94 -0.98 -15.88
N ILE A 205 0.60 0.31 -15.84
CA ILE A 205 -0.15 0.83 -14.70
C ILE A 205 -1.60 0.33 -14.71
N HIS A 206 -2.04 -0.17 -15.85
CA HIS A 206 -3.38 -0.75 -15.97
C HIS A 206 -3.35 -2.24 -15.68
N HIS A 207 -4.37 -2.74 -14.98
CA HIS A 207 -4.51 -4.16 -14.77
C HIS A 207 -4.85 -4.85 -16.09
N GLY A 208 -4.21 -5.99 -16.34
CA GLY A 208 -4.49 -6.78 -17.52
C GLY A 208 -5.61 -7.77 -17.27
N ASN A 209 -6.86 -7.30 -17.40
CA ASN A 209 -8.03 -8.15 -17.20
C ASN A 209 -7.99 -9.39 -18.08
N GLY A 210 -7.66 -9.21 -19.35
CA GLY A 210 -7.62 -10.31 -20.30
C GLY A 210 -6.60 -11.37 -19.94
N THR A 211 -5.39 -10.94 -19.61
CA THR A 211 -4.31 -11.86 -19.27
C THR A 211 -4.66 -12.67 -18.03
N GLN A 212 -5.20 -12.01 -17.02
CA GLN A 212 -5.59 -12.67 -15.78
C GLN A 212 -6.67 -13.71 -16.04
N MET A 213 -7.68 -13.32 -16.80
CA MET A 213 -8.83 -14.18 -17.07
C MET A 213 -8.45 -15.39 -17.94
N ALA A 214 -7.41 -15.22 -18.75
CA ALA A 214 -6.97 -16.28 -19.66
C ALA A 214 -6.30 -17.44 -18.92
N PHE A 215 -5.72 -17.15 -17.75
CA PHE A 215 -4.99 -18.15 -16.98
C PHE A 215 -5.52 -18.28 -15.55
N TYR A 216 -6.68 -17.70 -15.28
CA TYR A 216 -7.23 -17.64 -13.92
C TYR A 216 -7.40 -19.03 -13.31
N ASP A 217 -7.68 -20.03 -14.15
CA ASP A 217 -7.85 -21.40 -13.67
C ASP A 217 -6.60 -22.25 -13.93
N ASP A 218 -5.56 -21.63 -14.47
CA ASP A 218 -4.34 -22.34 -14.86
C ASP A 218 -3.26 -22.20 -13.79
N PRO A 219 -2.75 -23.34 -13.27
CA PRO A 219 -1.73 -23.27 -12.21
C PRO A 219 -0.29 -23.15 -12.72
N ASN A 220 -0.08 -23.40 -14.01
CA ASN A 220 1.26 -23.39 -14.58
C ASN A 220 1.68 -22.03 -15.11
N VAL A 221 0.73 -21.09 -15.16
CA VAL A 221 1.03 -19.73 -15.57
C VAL A 221 0.72 -18.78 -14.41
N LEU A 222 1.78 -18.25 -13.79
CA LEU A 222 1.64 -17.29 -12.71
C LEU A 222 1.54 -15.88 -13.27
N TYR A 223 0.43 -15.20 -12.96
CA TYR A 223 0.24 -13.82 -13.38
C TYR A 223 0.42 -12.88 -12.20
N VAL A 224 1.37 -11.96 -12.33
CA VAL A 224 1.64 -10.95 -11.31
C VAL A 224 1.45 -9.56 -11.92
N SER A 225 0.66 -8.73 -11.26
CA SER A 225 0.33 -7.41 -11.76
C SER A 225 0.43 -6.33 -10.71
N LEU A 226 1.19 -5.28 -11.03
CA LEU A 226 1.18 -4.05 -10.25
C LEU A 226 0.39 -3.03 -11.06
N HIS A 227 -0.59 -2.38 -10.43
CA HIS A 227 -1.47 -1.47 -11.15
C HIS A 227 -2.17 -0.47 -10.24
N ARG A 228 -2.51 0.67 -10.82
CA ARG A 228 -3.33 1.68 -10.14
C ARG A 228 -4.77 1.20 -10.12
N TYR A 229 -5.34 1.08 -8.93
CA TYR A 229 -6.64 0.45 -8.74
C TYR A 229 -7.68 1.44 -8.21
N GLU A 230 -7.40 2.00 -7.03
CA GLU A 230 -8.28 2.97 -6.40
C GLU A 230 -9.71 2.45 -6.26
N ASN A 231 -9.87 1.31 -5.59
CA ASN A 231 -11.18 0.69 -5.39
C ASN A 231 -11.93 0.44 -6.70
N GLY A 232 -11.16 0.17 -7.76
CA GLY A 232 -11.74 -0.15 -9.05
C GLY A 232 -12.30 1.05 -9.79
N ARG A 233 -11.89 2.25 -9.39
CA ARG A 233 -12.32 3.46 -10.08
C ARG A 233 -11.47 3.71 -11.32
N PHE A 234 -10.18 3.41 -11.22
CA PHE A 234 -9.25 3.62 -12.32
C PHE A 234 -9.49 2.61 -13.43
N TYR A 235 -9.27 3.03 -14.67
CA TYR A 235 -9.43 2.17 -15.84
C TYR A 235 -8.67 0.86 -15.65
N PRO A 236 -9.25 -0.28 -16.08
CA PRO A 236 -10.52 -0.49 -16.78
C PRO A 236 -11.78 -0.34 -15.90
N GLY A 237 -11.61 0.08 -14.66
CA GLY A 237 -12.73 0.34 -13.78
C GLY A 237 -13.44 -0.92 -13.29
N THR A 238 -12.74 -2.05 -13.33
CA THR A 238 -13.28 -3.32 -12.85
C THR A 238 -12.66 -3.69 -11.51
N ASN A 239 -13.39 -4.46 -10.71
CA ASN A 239 -12.88 -4.96 -9.44
C ASN A 239 -12.12 -6.26 -9.63
N TYR A 240 -11.90 -6.64 -10.88
CA TYR A 240 -11.30 -7.91 -11.23
C TYR A 240 -9.83 -7.96 -10.83
N GLY A 241 -9.23 -6.78 -10.67
CA GLY A 241 -7.81 -6.67 -10.32
C GLY A 241 -7.58 -6.43 -8.84
N CYS A 242 -8.59 -6.67 -8.02
CA CYS A 242 -8.46 -6.49 -6.57
C CYS A 242 -7.50 -7.54 -5.99
N ALA A 243 -6.97 -7.25 -4.81
CA ALA A 243 -5.97 -8.09 -4.18
C ALA A 243 -6.54 -9.46 -3.80
N GLU A 244 -7.85 -9.52 -3.59
CA GLU A 244 -8.50 -10.74 -3.11
C GLU A 244 -8.62 -11.82 -4.19
N ASN A 245 -8.64 -11.42 -5.45
CA ASN A 245 -8.72 -12.39 -6.54
C ASN A 245 -7.39 -13.09 -6.77
N CYS A 246 -7.30 -14.32 -6.28
CA CYS A 246 -6.06 -15.10 -6.31
C CYS A 246 -6.13 -16.29 -7.25
N GLY A 247 -7.19 -16.35 -8.06
CA GLY A 247 -7.43 -17.48 -8.96
C GLY A 247 -8.52 -18.38 -8.45
N GLU A 248 -8.81 -19.44 -9.21
CA GLU A 248 -9.84 -20.40 -8.83
C GLU A 248 -9.50 -21.78 -9.39
N GLY A 249 -10.13 -22.81 -8.83
CA GLY A 249 -9.89 -24.17 -9.26
C GLY A 249 -8.43 -24.55 -9.09
N PRO A 250 -7.86 -25.26 -10.07
CA PRO A 250 -6.43 -25.59 -9.99
C PRO A 250 -5.54 -24.35 -9.91
N GLY A 251 -5.99 -23.26 -10.55
CA GLY A 251 -5.21 -22.04 -10.61
C GLY A 251 -5.33 -21.17 -9.37
N LEU A 252 -5.92 -21.70 -8.30
CA LEU A 252 -6.02 -20.95 -7.05
C LEU A 252 -4.64 -20.75 -6.45
N GLY A 253 -4.29 -19.50 -6.18
CA GLY A 253 -3.01 -19.15 -5.60
C GLY A 253 -1.95 -18.81 -6.64
N ARG A 254 -2.37 -18.72 -7.90
CA ARG A 254 -1.45 -18.43 -9.00
C ARG A 254 -1.84 -17.15 -9.73
N THR A 255 -2.46 -16.23 -9.00
CA THR A 255 -2.72 -14.88 -9.48
C THR A 255 -2.46 -13.91 -8.32
N VAL A 256 -1.52 -12.99 -8.52
CA VAL A 256 -1.14 -12.04 -7.48
C VAL A 256 -1.32 -10.61 -7.97
N ASN A 257 -2.26 -9.90 -7.35
CA ASN A 257 -2.53 -8.50 -7.70
C ASN A 257 -2.00 -7.55 -6.62
N ILE A 258 -1.28 -6.53 -7.07
CA ILE A 258 -0.83 -5.44 -6.21
C ILE A 258 -1.52 -4.15 -6.66
N PRO A 259 -2.72 -3.89 -6.12
CA PRO A 259 -3.51 -2.71 -6.51
C PRO A 259 -3.19 -1.47 -5.67
N TRP A 260 -2.46 -0.52 -6.27
CA TRP A 260 -2.17 0.75 -5.60
C TRP A 260 -3.47 1.51 -5.35
N SER A 261 -3.56 2.15 -4.20
CA SER A 261 -4.80 2.80 -3.77
C SER A 261 -4.89 4.25 -4.19
N CYS A 262 -3.82 4.77 -4.80
CA CYS A 262 -3.81 6.17 -5.19
C CYS A 262 -2.69 6.47 -6.20
N ALA A 263 -2.63 7.74 -6.62
CA ALA A 263 -1.63 8.19 -7.58
C ALA A 263 -0.34 8.58 -6.86
N GLY A 264 0.72 8.75 -7.63
CA GLY A 264 1.97 9.29 -7.11
C GLY A 264 2.98 8.27 -6.60
N MET A 265 2.76 7.00 -6.89
CA MET A 265 3.71 5.96 -6.51
C MET A 265 4.99 6.12 -7.31
N GLY A 266 6.14 5.80 -6.70
CA GLY A 266 7.43 6.02 -7.31
C GLY A 266 8.42 4.88 -7.12
N ASP A 267 9.69 5.19 -7.36
CA ASP A 267 10.78 4.21 -7.33
C ASP A 267 10.78 3.36 -6.06
N GLY A 268 10.80 4.01 -4.90
CA GLY A 268 10.85 3.30 -3.64
C GLY A 268 9.69 2.36 -3.42
N ASP A 269 8.52 2.77 -3.89
CA ASP A 269 7.30 1.98 -3.73
C ASP A 269 7.35 0.68 -4.54
N TYR A 270 7.86 0.77 -5.78
CA TYR A 270 7.91 -0.39 -6.66
C TYR A 270 9.05 -1.34 -6.30
N ILE A 271 10.19 -0.80 -5.90
CA ILE A 271 11.29 -1.65 -5.47
C ILE A 271 10.94 -2.32 -4.14
N TYR A 272 10.15 -1.62 -3.33
CA TYR A 272 9.64 -2.19 -2.09
C TYR A 272 8.73 -3.38 -2.38
N ALA A 273 7.82 -3.20 -3.35
CA ALA A 273 6.89 -4.25 -3.72
C ALA A 273 7.61 -5.45 -4.33
N PHE A 274 8.67 -5.18 -5.08
CA PHE A 274 9.45 -6.24 -5.72
C PHE A 274 10.25 -7.05 -4.70
N GLN A 275 10.81 -6.37 -3.71
CA GLN A 275 11.63 -7.05 -2.70
C GLN A 275 10.77 -7.83 -1.70
N ARG A 276 9.57 -7.34 -1.40
CA ARG A 276 8.73 -7.96 -0.38
C ARG A 276 7.72 -8.97 -0.92
N VAL A 277 7.30 -8.79 -2.17
CA VAL A 277 6.24 -9.64 -2.75
C VAL A 277 6.65 -10.35 -4.05
N VAL A 278 6.96 -9.57 -5.09
CA VAL A 278 7.14 -10.13 -6.42
C VAL A 278 8.26 -11.17 -6.49
N MET A 279 9.45 -10.80 -6.06
CA MET A 279 10.62 -11.68 -6.19
C MET A 279 10.55 -12.91 -5.27
N PRO A 280 10.10 -12.74 -4.01
CA PRO A 280 9.93 -13.93 -3.18
C PRO A 280 8.96 -14.95 -3.79
N VAL A 281 7.84 -14.47 -4.32
CA VAL A 281 6.86 -15.35 -4.94
C VAL A 281 7.41 -15.99 -6.22
N ALA A 282 8.13 -15.20 -7.01
CA ALA A 282 8.73 -15.70 -8.25
C ALA A 282 9.73 -16.82 -7.97
N TYR A 283 10.56 -16.62 -6.95
CA TYR A 283 11.55 -17.63 -6.58
C TYR A 283 10.86 -18.92 -6.14
N GLU A 284 9.74 -18.79 -5.44
CA GLU A 284 8.99 -19.95 -4.97
C GLU A 284 8.30 -20.66 -6.12
N PHE A 285 7.77 -19.89 -7.07
CA PHE A 285 7.12 -20.46 -8.25
C PHE A 285 8.15 -21.14 -9.16
N ASP A 286 9.35 -20.59 -9.21
CA ASP A 286 10.45 -21.17 -9.98
C ASP A 286 10.09 -21.34 -11.46
N PRO A 287 9.79 -20.24 -12.15
CA PRO A 287 9.36 -20.28 -13.55
C PRO A 287 10.48 -20.73 -14.50
N ASP A 288 10.08 -21.33 -15.63
CA ASP A 288 11.03 -21.73 -16.67
C ASP A 288 11.15 -20.62 -17.70
N LEU A 289 10.20 -19.68 -17.66
CA LEU A 289 10.17 -18.57 -18.60
C LEU A 289 9.52 -17.36 -17.93
N VAL A 290 10.06 -16.17 -18.19
CA VAL A 290 9.51 -14.93 -17.67
C VAL A 290 9.11 -14.03 -18.82
N ILE A 291 7.83 -13.65 -18.87
CA ILE A 291 7.33 -12.73 -19.88
C ILE A 291 6.87 -11.45 -19.19
N VAL A 292 7.35 -10.32 -19.68
CA VAL A 292 7.00 -9.03 -19.09
C VAL A 292 6.04 -8.27 -20.00
N SER A 293 4.84 -8.03 -19.51
CA SER A 293 3.94 -7.09 -20.13
C SER A 293 4.46 -5.70 -19.78
N CYS A 294 5.37 -5.21 -20.62
CA CYS A 294 6.17 -4.03 -20.30
C CYS A 294 5.56 -2.74 -20.84
N GLY A 295 4.68 -2.14 -20.04
CA GLY A 295 4.16 -0.81 -20.32
C GLY A 295 4.98 0.22 -19.58
N PHE A 296 4.88 1.48 -20.01
CA PHE A 296 5.65 2.57 -19.40
C PHE A 296 4.77 3.72 -18.95
N ASP A 297 3.47 3.48 -18.78
CA ASP A 297 2.55 4.54 -18.36
C ASP A 297 2.58 4.76 -16.85
N ALA A 298 3.44 4.02 -16.15
CA ALA A 298 3.71 4.30 -14.74
C ALA A 298 4.98 5.13 -14.59
N ALA A 299 5.50 5.61 -15.72
CA ALA A 299 6.73 6.39 -15.72
C ALA A 299 6.46 7.86 -15.40
N ALA A 300 7.46 8.52 -14.80
CA ALA A 300 7.37 9.95 -14.55
C ALA A 300 7.22 10.69 -15.88
N GLY A 301 6.20 11.55 -15.96
CA GLY A 301 5.94 12.31 -17.17
C GLY A 301 4.67 11.86 -17.87
N ASP A 302 4.20 10.66 -17.56
CA ASP A 302 2.99 10.12 -18.16
C ASP A 302 1.77 10.72 -17.47
N HIS A 303 1.00 11.52 -18.22
CA HIS A 303 -0.12 12.28 -17.67
C HIS A 303 -1.32 11.40 -17.32
N ILE A 304 -1.38 10.21 -17.89
CA ILE A 304 -2.49 9.30 -17.63
C ILE A 304 -2.29 8.55 -16.32
N GLY A 305 -1.11 7.96 -16.15
CA GLY A 305 -0.84 7.14 -14.99
C GLY A 305 -0.53 7.94 -13.73
N GLN A 306 0.15 9.07 -13.91
CA GLN A 306 0.45 9.98 -12.81
C GLN A 306 1.30 9.29 -11.72
N PHE A 307 2.17 8.38 -12.16
CA PHE A 307 3.18 7.79 -11.28
C PHE A 307 4.54 8.42 -11.57
N LEU A 308 5.55 8.05 -10.79
CA LEU A 308 6.84 8.74 -10.81
C LEU A 308 8.04 7.81 -10.97
N LEU A 309 7.85 6.70 -11.67
CA LEU A 309 8.97 5.78 -11.89
C LEU A 309 10.00 6.38 -12.84
N THR A 310 11.24 6.44 -12.38
CA THR A 310 12.36 6.87 -13.21
C THR A 310 12.85 5.68 -14.02
N PRO A 311 13.69 5.94 -15.03
CA PRO A 311 14.24 4.83 -15.83
C PRO A 311 14.99 3.79 -15.02
N ALA A 312 15.63 4.23 -13.93
CA ALA A 312 16.41 3.32 -13.09
C ALA A 312 15.52 2.25 -12.45
N ALA A 313 14.28 2.61 -12.13
CA ALA A 313 13.34 1.67 -11.54
C ALA A 313 13.04 0.52 -12.51
N TYR A 314 12.92 0.84 -13.79
CA TYR A 314 12.67 -0.19 -14.80
C TYR A 314 13.92 -1.03 -15.03
N ALA A 315 15.08 -0.41 -14.88
CA ALA A 315 16.34 -1.12 -15.02
C ALA A 315 16.53 -2.11 -13.88
N HIS A 316 16.22 -1.68 -12.66
CA HIS A 316 16.38 -2.54 -11.49
C HIS A 316 15.38 -3.70 -11.52
N MET A 317 14.13 -3.41 -11.85
CA MET A 317 13.12 -4.46 -11.93
C MET A 317 13.47 -5.52 -12.98
N THR A 318 13.98 -5.07 -14.12
CA THR A 318 14.39 -6.00 -15.18
C THR A 318 15.55 -6.87 -14.71
N GLN A 319 16.53 -6.23 -14.07
CA GLN A 319 17.73 -6.92 -13.62
C GLN A 319 17.39 -7.98 -12.55
N MET A 320 16.42 -7.68 -11.70
CA MET A 320 15.99 -8.64 -10.68
C MET A 320 15.36 -9.87 -11.31
N LEU A 321 14.51 -9.66 -12.31
CA LEU A 321 13.81 -10.77 -12.96
C LEU A 321 14.77 -11.67 -13.73
N MET A 322 15.88 -11.12 -14.16
CA MET A 322 16.85 -11.86 -14.97
C MET A 322 17.60 -12.92 -14.16
N GLY A 323 17.37 -12.95 -12.86
CA GLY A 323 17.92 -14.00 -12.02
C GLY A 323 17.12 -15.29 -12.12
N LEU A 324 15.94 -15.19 -12.74
CA LEU A 324 15.02 -16.32 -12.83
C LEU A 324 15.11 -17.08 -14.16
N ALA A 325 14.54 -18.27 -14.17
CA ALA A 325 14.29 -19.02 -15.41
C ALA A 325 15.52 -19.16 -16.30
N ASP A 326 16.68 -19.36 -15.68
CA ASP A 326 17.94 -19.46 -16.39
C ASP A 326 18.14 -18.26 -17.31
N GLY A 327 17.60 -17.11 -16.89
CA GLY A 327 17.78 -15.86 -17.61
C GLY A 327 16.80 -15.68 -18.77
N LYS A 328 15.95 -16.67 -19.01
CA LYS A 328 15.00 -16.59 -20.12
C LYS A 328 13.92 -15.56 -19.85
N VAL A 329 14.20 -14.32 -20.25
CA VAL A 329 13.29 -13.20 -20.07
C VAL A 329 12.87 -12.63 -21.43
N PHE A 330 11.57 -12.42 -21.60
CA PHE A 330 11.03 -11.86 -22.84
C PHE A 330 10.22 -10.60 -22.56
N ILE A 331 10.67 -9.47 -23.09
CA ILE A 331 10.02 -8.19 -22.88
C ILE A 331 9.07 -7.86 -24.04
N SER A 332 7.80 -7.63 -23.71
CA SER A 332 6.79 -7.23 -24.69
C SER A 332 6.37 -5.77 -24.45
N LEU A 333 6.59 -4.93 -25.46
CA LEU A 333 6.28 -3.51 -25.34
C LEU A 333 4.77 -3.26 -25.31
N GLU A 334 4.33 -2.50 -24.31
CA GLU A 334 2.90 -2.22 -24.13
C GLU A 334 2.60 -0.71 -24.08
N GLY A 335 1.85 -0.28 -23.07
CA GLY A 335 1.33 1.08 -23.03
C GLY A 335 2.34 2.15 -22.65
N GLY A 336 1.88 3.40 -22.69
CA GLY A 336 2.71 4.57 -22.45
C GLY A 336 2.21 5.72 -23.30
N TYR A 337 2.08 6.90 -22.70
CA TYR A 337 1.47 8.04 -23.37
C TYR A 337 2.44 9.21 -23.59
N ASN A 338 3.66 9.05 -23.10
CA ASN A 338 4.70 10.06 -23.27
C ASN A 338 5.91 9.46 -23.99
N LEU A 339 6.15 9.93 -25.21
CA LEU A 339 7.19 9.35 -26.05
C LEU A 339 8.58 9.47 -25.42
N ASP A 340 8.82 10.56 -24.70
CA ASP A 340 10.10 10.75 -24.04
C ASP A 340 10.26 9.81 -22.84
N SER A 341 9.17 9.58 -22.11
CA SER A 341 9.19 8.66 -20.98
C SER A 341 9.38 7.22 -21.46
N ILE A 342 8.73 6.89 -22.57
CA ILE A 342 8.86 5.57 -23.18
C ILE A 342 10.31 5.36 -23.64
N SER A 343 10.85 6.37 -24.32
CA SER A 343 12.20 6.31 -24.86
C SER A 343 13.26 6.04 -23.79
N THR A 344 13.25 6.86 -22.73
CA THR A 344 14.24 6.75 -21.67
C THR A 344 14.07 5.46 -20.85
N SER A 345 12.82 5.10 -20.57
CA SER A 345 12.52 3.92 -19.77
C SER A 345 12.84 2.64 -20.54
N ALA A 346 12.50 2.63 -21.83
CA ALA A 346 12.78 1.49 -22.68
C ALA A 346 14.28 1.27 -22.82
N LEU A 347 15.04 2.36 -22.89
CA LEU A 347 16.49 2.27 -22.96
C LEU A 347 17.04 1.59 -21.71
N ALA A 348 16.47 1.94 -20.56
CA ALA A 348 16.89 1.37 -19.29
C ALA A 348 16.65 -0.13 -19.25
N VAL A 349 15.48 -0.57 -19.73
CA VAL A 349 15.15 -1.98 -19.79
C VAL A 349 16.12 -2.72 -20.71
N ALA A 350 16.38 -2.15 -21.88
CA ALA A 350 17.30 -2.73 -22.84
C ALA A 350 18.70 -2.88 -22.23
N GLN A 351 19.13 -1.85 -21.51
CA GLN A 351 20.44 -1.84 -20.88
C GLN A 351 20.60 -2.98 -19.88
N SER A 352 19.55 -3.27 -19.12
CA SER A 352 19.59 -4.36 -18.15
C SER A 352 19.68 -5.72 -18.84
N LEU A 353 18.95 -5.88 -19.94
CA LEU A 353 19.01 -7.11 -20.73
C LEU A 353 20.43 -7.39 -21.20
N LEU A 354 21.15 -6.32 -21.55
CA LEU A 354 22.52 -6.43 -22.04
C LEU A 354 23.53 -6.61 -20.92
N GLY A 355 23.09 -6.48 -19.68
CA GLY A 355 23.96 -6.65 -18.52
C GLY A 355 24.62 -5.37 -18.08
N ILE A 356 24.21 -4.25 -18.65
CA ILE A 356 24.74 -2.95 -18.25
C ILE A 356 24.18 -2.59 -16.87
N PRO A 357 25.05 -2.15 -15.94
CA PRO A 357 24.58 -1.86 -14.58
C PRO A 357 23.50 -0.78 -14.54
N PRO A 358 22.44 -0.97 -13.72
CA PRO A 358 21.39 0.05 -13.61
C PRO A 358 21.86 1.26 -12.81
N GLY A 359 21.21 2.40 -13.02
CA GLY A 359 21.54 3.62 -12.31
C GLY A 359 21.01 3.63 -10.89
N ARG A 360 21.27 4.72 -10.17
CA ARG A 360 20.79 4.88 -8.80
C ARG A 360 19.31 5.23 -8.79
N LEU A 361 18.57 4.62 -7.88
CA LEU A 361 17.14 4.95 -7.72
C LEU A 361 16.98 6.37 -7.22
N HIS A 362 15.85 6.98 -7.55
CA HIS A 362 15.54 8.32 -7.05
C HIS A 362 15.40 8.29 -5.54
N THR A 363 14.81 7.22 -5.03
CA THR A 363 14.65 7.03 -3.60
C THR A 363 14.23 5.59 -3.31
N THR A 364 14.60 5.11 -2.12
CA THR A 364 14.21 3.77 -1.67
C THR A 364 13.08 3.86 -0.64
N TYR A 365 12.52 5.05 -0.51
CA TYR A 365 11.50 5.32 0.49
C TYR A 365 10.12 4.95 -0.02
N ALA A 366 9.44 4.07 0.71
CA ALA A 366 8.08 3.66 0.37
C ALA A 366 7.10 4.44 1.23
N CYS A 367 6.11 5.06 0.58
CA CYS A 367 5.15 5.89 1.30
C CYS A 367 4.15 5.02 2.07
N PRO A 368 3.47 5.62 3.07
CA PRO A 368 2.52 4.88 3.91
C PRO A 368 1.41 4.16 3.12
N GLN A 369 0.93 4.76 2.05
CA GLN A 369 -0.12 4.13 1.25
C GLN A 369 0.41 2.86 0.61
N ALA A 370 1.65 2.91 0.14
CA ALA A 370 2.27 1.78 -0.53
C ALA A 370 2.49 0.61 0.43
N VAL A 371 3.06 0.89 1.60
CA VAL A 371 3.34 -0.17 2.56
C VAL A 371 2.04 -0.79 3.07
N ALA A 372 1.00 0.02 3.18
CA ALA A 372 -0.31 -0.45 3.60
C ALA A 372 -0.88 -1.41 2.55
N THR A 373 -0.64 -1.08 1.28
CA THR A 373 -1.06 -1.93 0.18
C THR A 373 -0.32 -3.27 0.23
N ILE A 374 0.99 -3.21 0.40
CA ILE A 374 1.81 -4.41 0.45
C ILE A 374 1.48 -5.26 1.68
N ASN A 375 1.12 -4.62 2.79
CA ASN A 375 0.68 -5.36 3.97
C ASN A 375 -0.60 -6.12 3.67
N HIS A 376 -1.54 -5.46 3.01
CA HIS A 376 -2.80 -6.07 2.62
C HIS A 376 -2.57 -7.25 1.69
N VAL A 377 -1.72 -7.05 0.70
CA VAL A 377 -1.36 -8.11 -0.23
C VAL A 377 -0.74 -9.30 0.51
N THR A 378 0.16 -9.01 1.45
CA THR A 378 0.84 -10.05 2.20
C THR A 378 -0.14 -10.91 3.01
N LYS A 379 -1.10 -10.26 3.65
CA LYS A 379 -2.10 -10.96 4.44
C LYS A 379 -2.92 -11.93 3.59
N ILE A 380 -3.36 -11.46 2.43
CA ILE A 380 -4.15 -12.28 1.52
C ILE A 380 -3.31 -13.44 0.99
N GLN A 381 -2.11 -13.10 0.54
CA GLN A 381 -1.27 -14.03 -0.20
C GLN A 381 -0.60 -15.06 0.70
N SER A 382 -0.59 -14.80 2.00
CA SER A 382 -0.01 -15.74 2.96
C SER A 382 -0.79 -17.06 3.02
N GLN A 383 -1.97 -17.08 2.40
CA GLN A 383 -2.80 -18.28 2.37
C GLN A 383 -2.29 -19.30 1.36
N TYR A 384 -1.53 -18.84 0.37
CA TYR A 384 -1.17 -19.66 -0.78
C TYR A 384 0.32 -19.77 -1.01
N TRP A 385 1.10 -18.86 -0.44
CA TRP A 385 2.54 -18.80 -0.67
C TRP A 385 3.36 -18.88 0.61
N ARG A 386 4.24 -19.88 0.66
CA ARG A 386 5.12 -20.12 1.80
C ARG A 386 5.91 -18.87 2.21
N CYS A 387 6.29 -18.05 1.23
CA CYS A 387 7.18 -16.92 1.48
C CYS A 387 6.45 -15.68 2.01
N MET A 388 5.12 -15.68 1.90
CA MET A 388 4.33 -14.56 2.38
C MET A 388 3.89 -14.81 3.83
N ARG A 389 4.57 -14.13 4.74
CA ARG A 389 4.34 -14.30 6.18
C ARG A 389 4.27 -12.94 6.86
N PRO A 390 3.64 -12.88 8.04
CA PRO A 390 2.98 -13.98 8.73
C PRO A 390 1.62 -14.33 8.14
N LYS A 391 1.14 -15.54 8.40
CA LYS A 391 -0.20 -15.92 7.99
C LYS A 391 -1.21 -15.14 8.80
N HIS A 392 -2.26 -14.65 8.14
CA HIS A 392 -3.29 -13.87 8.80
C HIS A 392 -4.53 -14.69 9.08
N PHE A 393 -4.84 -14.89 10.36
CA PHE A 393 -6.07 -15.55 10.78
C PHE A 393 -7.13 -14.49 11.12
N ASP A 394 -8.39 -14.83 10.86
CA ASP A 394 -9.50 -13.92 11.10
C ASP A 394 -10.53 -14.51 12.03
N ALA A 395 -11.35 -13.64 12.62
CA ALA A 395 -12.47 -14.06 13.47
C ALA A 395 -13.58 -13.02 13.40
N ASN A 396 -14.78 -13.42 13.78
CA ASN A 396 -15.95 -12.54 13.70
C ASN A 396 -16.36 -12.01 15.07
N PRO A 397 -16.18 -10.70 15.32
CA PRO A 397 -16.55 -10.12 16.62
C PRO A 397 -18.03 -10.32 16.98
N LYS A 398 -18.86 -10.63 15.99
CA LYS A 398 -20.28 -10.85 16.22
C LYS A 398 -20.51 -12.17 16.96
N ASP A 399 -19.60 -13.13 16.77
CA ASP A 399 -19.67 -14.39 17.50
C ASP A 399 -19.59 -14.14 19.00
N ALA A 400 -20.27 -15.00 19.76
CA ALA A 400 -20.36 -14.85 21.20
C ALA A 400 -19.02 -15.08 21.89
N HIS A 401 -18.18 -15.93 21.29
CA HIS A 401 -16.91 -16.31 21.91
C HIS A 401 -15.74 -15.43 21.45
N VAL A 402 -16.07 -14.36 20.71
CA VAL A 402 -15.06 -13.43 20.19
C VAL A 402 -15.28 -12.03 20.75
N ASP A 403 -14.23 -11.45 21.30
CA ASP A 403 -14.29 -10.10 21.87
C ASP A 403 -13.11 -9.24 21.41
N ARG A 404 -13.37 -7.96 21.18
CA ARG A 404 -12.33 -7.00 20.82
C ARG A 404 -11.49 -6.67 22.05
N LEU A 405 -10.17 -6.56 21.86
CA LEU A 405 -9.26 -6.35 22.99
C LEU A 405 -9.54 -5.06 23.73
N HIS A 406 -10.11 -4.08 23.03
CA HIS A 406 -10.49 -2.81 23.65
C HIS A 406 -11.30 -3.03 24.92
N ASP A 407 -12.30 -3.90 24.83
CA ASP A 407 -13.19 -4.20 25.95
C ASP A 407 -12.51 -5.10 26.97
N VAL A 408 -11.66 -6.00 26.50
CA VAL A 408 -10.92 -6.91 27.38
C VAL A 408 -9.99 -6.13 28.30
N ILE A 409 -9.25 -5.18 27.73
CA ILE A 409 -8.29 -4.39 28.49
C ILE A 409 -8.98 -3.48 29.51
N ARG A 410 -10.05 -2.81 29.10
CA ARG A 410 -10.74 -1.88 29.98
C ARG A 410 -11.41 -2.61 31.13
N THR A 411 -11.98 -3.78 30.84
CA THR A 411 -12.58 -4.62 31.88
C THR A 411 -11.51 -5.04 32.88
N TYR A 412 -10.32 -5.36 32.39
CA TYR A 412 -9.22 -5.74 33.26
C TYR A 412 -8.83 -4.59 34.19
N GLN A 413 -8.69 -3.40 33.62
CA GLN A 413 -8.37 -2.20 34.40
C GLN A 413 -9.41 -1.95 35.48
N ALA A 414 -10.69 -1.99 35.10
CA ALA A 414 -11.77 -1.73 36.03
C ALA A 414 -11.74 -2.71 37.20
N LYS A 415 -11.44 -3.97 36.91
CA LYS A 415 -11.36 -5.00 37.93
C LYS A 415 -10.19 -4.74 38.88
N LYS A 416 -9.02 -4.49 38.30
CA LYS A 416 -7.80 -4.26 39.06
C LYS A 416 -7.94 -3.06 39.98
N LEU A 417 -8.60 -2.02 39.48
CA LEU A 417 -8.75 -0.77 40.23
C LEU A 417 -9.78 -0.89 41.35
N PHE A 418 -10.80 -1.72 41.15
CA PHE A 418 -11.79 -1.94 42.19
C PHE A 418 -11.17 -2.67 43.37
N GLU A 419 -10.38 -3.70 43.09
CA GLU A 419 -9.73 -4.49 44.12
C GLU A 419 -8.73 -3.66 44.94
N ASP A 420 -8.07 -2.71 44.28
CA ASP A 420 -6.99 -1.96 44.91
C ASP A 420 -7.45 -0.67 45.60
N TRP A 421 -8.45 -0.01 45.03
CA TRP A 421 -8.86 1.32 45.51
C TRP A 421 -10.37 1.52 45.61
N LYS A 422 -11.14 0.47 45.32
CA LYS A 422 -12.60 0.56 45.30
C LYS A 422 -13.09 1.54 44.23
N ILE A 423 -12.26 1.78 43.22
CA ILE A 423 -12.65 2.59 42.09
C ILE A 423 -13.78 1.87 41.34
N THR A 424 -14.83 2.61 41.01
CA THR A 424 -16.03 2.02 40.42
C THR A 424 -16.43 2.70 39.13
N ASN A 425 -17.42 2.12 38.45
CA ASN A 425 -17.92 2.65 37.20
C ASN A 425 -18.69 3.95 37.41
N MET A 426 -18.40 4.92 36.55
CA MET A 426 -19.12 6.20 36.54
C MET A 426 -20.12 6.18 35.39
N PRO A 427 -21.42 5.99 35.69
CA PRO A 427 -22.40 5.77 34.63
C PRO A 427 -22.57 6.95 33.68
N ILE A 428 -22.71 6.65 32.39
CA ILE A 428 -22.92 7.65 31.35
C ILE A 428 -24.24 7.36 30.63
N LEU A 429 -25.28 8.11 30.97
CA LEU A 429 -26.59 7.93 30.34
C LEU A 429 -26.54 8.42 28.90
N ARG A 430 -26.92 7.56 27.96
CA ARG A 430 -26.92 7.90 26.55
C ARG A 430 -28.02 7.15 25.80
N ASP A 431 -28.50 7.74 24.71
CA ASP A 431 -29.52 7.12 23.87
C ASP A 431 -28.93 6.71 22.53
N ASN A 438 -20.20 0.32 29.40
CA ASN A 438 -19.82 0.09 30.79
C ASN A 438 -18.32 0.22 31.00
N ASN A 439 -17.92 0.65 32.20
CA ASN A 439 -16.52 0.80 32.57
C ASN A 439 -15.75 1.78 31.69
N GLN A 440 -16.45 2.53 30.84
CA GLN A 440 -15.80 3.52 29.98
C GLN A 440 -15.21 4.62 30.84
N VAL A 441 -15.95 5.02 31.87
CA VAL A 441 -15.50 6.03 32.82
C VAL A 441 -15.46 5.44 34.23
N LEU A 442 -14.32 5.60 34.89
CA LEU A 442 -14.13 5.09 36.25
C LEU A 442 -13.86 6.24 37.20
N CYS A 443 -14.29 6.07 38.46
CA CYS A 443 -14.09 7.09 39.48
C CYS A 443 -13.84 6.48 40.85
N SER A 444 -13.03 7.18 41.65
CA SER A 444 -12.76 6.74 43.02
C SER A 444 -13.98 6.96 43.90
N SER A 445 -14.09 6.19 44.97
CA SER A 445 -15.18 6.35 45.92
C SER A 445 -15.02 7.67 46.67
N ASN A 446 -16.11 8.41 46.79
CA ASN A 446 -16.10 9.71 47.47
C ASN A 446 -15.14 10.69 46.80
N PHE A 447 -15.04 10.60 45.47
CA PHE A 447 -14.25 11.56 44.69
C PHE A 447 -14.82 12.97 44.84
N PHE A 448 -16.12 13.02 45.11
CA PHE A 448 -16.86 14.29 45.16
C PHE A 448 -16.72 15.00 46.50
N GLN A 449 -15.94 14.42 47.41
CA GLN A 449 -15.75 15.00 48.75
C GLN A 449 -14.30 15.38 49.00
N LYS A 450 -13.48 15.36 47.95
CA LYS A 450 -12.07 15.67 48.07
C LYS A 450 -11.79 17.11 47.63
N ASP A 451 -10.79 17.74 48.25
CA ASP A 451 -10.41 19.10 47.89
C ASP A 451 -9.73 19.11 46.53
N ASN A 452 -8.87 18.12 46.30
CA ASN A 452 -8.16 17.98 45.04
C ASN A 452 -8.78 16.88 44.18
N LEU A 453 -8.95 17.16 42.88
CA LEU A 453 -9.57 16.23 41.95
C LEU A 453 -8.77 16.13 40.66
N LEU A 454 -8.42 14.90 40.28
CA LEU A 454 -7.72 14.63 39.03
C LEU A 454 -8.64 13.95 38.03
N VAL A 455 -8.70 14.51 36.82
CA VAL A 455 -9.46 13.92 35.72
C VAL A 455 -8.50 13.55 34.60
N ILE A 456 -8.34 12.25 34.35
CA ILE A 456 -7.46 11.76 33.29
C ILE A 456 -8.28 11.34 32.08
N VAL A 457 -7.98 11.93 30.93
CA VAL A 457 -8.65 11.60 29.68
C VAL A 457 -7.61 11.00 28.72
N HIS A 458 -7.86 9.77 28.29
CA HIS A 458 -6.84 9.01 27.55
C HIS A 458 -7.44 8.07 26.51
N GLU A 459 -6.68 7.85 25.43
CA GLU A 459 -6.99 6.77 24.51
C GLU A 459 -6.63 5.45 25.16
N SER A 460 -6.90 4.34 24.48
CA SER A 460 -6.62 3.03 25.04
C SER A 460 -5.11 2.88 25.28
N PRO A 461 -4.73 1.98 26.22
CA PRO A 461 -3.32 1.81 26.55
C PRO A 461 -2.52 1.15 25.43
N ARG A 462 -1.20 1.21 25.55
CA ARG A 462 -0.30 0.50 24.65
C ARG A 462 -0.29 -0.99 24.95
N VAL A 463 -0.44 -1.81 23.92
CA VAL A 463 -0.23 -3.26 24.05
C VAL A 463 0.77 -3.71 23.00
N LEU A 464 1.88 -4.27 23.48
CA LEU A 464 2.95 -4.75 22.59
C LEU A 464 2.73 -6.21 22.23
N GLY A 465 2.45 -6.45 20.95
CA GLY A 465 2.17 -7.79 20.47
C GLY A 465 3.44 -8.53 20.07
N ASN A 466 3.72 -9.62 20.77
CA ASN A 466 4.89 -10.46 20.49
C ASN A 466 4.50 -11.93 20.37
N GLY A 467 5.34 -12.70 19.69
CA GLY A 467 5.12 -14.13 19.54
C GLY A 467 5.84 -14.68 18.33
N THR A 468 5.40 -15.83 17.85
CA THR A 468 5.91 -16.37 16.61
C THR A 468 5.51 -15.44 15.47
N SER A 469 6.45 -15.16 14.58
CA SER A 469 6.18 -14.28 13.44
C SER A 469 5.70 -15.10 12.23
N GLU A 470 5.12 -16.27 12.51
CA GLU A 470 4.56 -17.12 11.48
C GLU A 470 3.09 -16.77 11.26
N THR A 471 2.45 -16.30 12.33
CA THR A 471 1.05 -15.87 12.27
C THR A 471 0.84 -14.59 13.08
N ASN A 472 -0.40 -14.11 13.10
CA ASN A 472 -0.77 -12.96 13.93
C ASN A 472 -1.32 -13.40 15.29
N VAL A 473 -1.12 -14.68 15.61
CA VAL A 473 -1.48 -15.20 16.92
C VAL A 473 -0.40 -14.81 17.92
N LEU A 474 -0.81 -14.30 19.07
CA LEU A 474 0.12 -13.75 20.04
C LEU A 474 0.55 -14.75 21.12
N ASN A 475 1.80 -14.63 21.52
CA ASN A 475 2.29 -15.25 22.74
C ASN A 475 1.89 -14.38 23.92
N LEU A 476 1.03 -14.91 24.78
CA LEU A 476 0.44 -14.12 25.87
C LEU A 476 1.41 -13.90 27.03
N ASN A 477 2.56 -14.56 27.00
CA ASN A 477 3.58 -14.36 28.02
C ASN A 477 4.50 -13.20 27.66
N ASP A 478 4.79 -13.07 26.37
CA ASP A 478 5.72 -12.05 25.89
C ASP A 478 4.99 -10.77 25.45
N SER A 479 3.68 -10.87 25.25
CA SER A 479 2.88 -9.70 24.90
C SER A 479 2.52 -8.92 26.15
N LEU A 480 2.73 -7.60 26.11
CA LEU A 480 2.68 -6.77 27.31
C LEU A 480 1.67 -5.64 27.21
N LEU A 481 0.90 -5.47 28.28
CA LEU A 481 0.08 -4.28 28.48
C LEU A 481 0.95 -3.22 29.17
N VAL A 482 1.12 -2.06 28.51
CA VAL A 482 1.94 -0.98 29.03
C VAL A 482 1.04 0.21 29.34
N ASP A 483 0.80 0.46 30.63
CA ASP A 483 -0.27 1.35 31.07
C ASP A 483 0.22 2.48 31.98
N PRO A 484 0.97 3.44 31.41
CA PRO A 484 1.55 4.54 32.21
C PRO A 484 0.50 5.42 32.90
N VAL A 485 -0.72 5.47 32.36
CA VAL A 485 -1.80 6.21 33.00
C VAL A 485 -2.02 5.73 34.43
N SER A 486 -1.77 4.44 34.67
CA SER A 486 -1.96 3.86 35.99
C SER A 486 -0.98 4.44 37.01
N LEU A 487 0.12 5.00 36.54
CA LEU A 487 1.07 5.66 37.41
C LEU A 487 0.41 6.88 38.06
N TYR A 488 -0.33 7.63 37.26
CA TYR A 488 -1.04 8.81 37.74
C TYR A 488 -2.21 8.43 38.63
N VAL A 489 -2.92 7.36 38.26
CA VAL A 489 -4.02 6.84 39.06
C VAL A 489 -3.52 6.46 40.44
N GLU A 490 -2.48 5.63 40.48
CA GLU A 490 -1.85 5.22 41.73
C GLU A 490 -1.43 6.44 42.54
N TRP A 491 -0.69 7.34 41.90
CA TRP A 491 -0.20 8.54 42.55
C TRP A 491 -1.33 9.38 43.13
N ALA A 492 -2.40 9.56 42.35
CA ALA A 492 -3.54 10.37 42.79
C ALA A 492 -4.19 9.80 44.04
N MET A 493 -4.30 8.47 44.10
CA MET A 493 -4.89 7.80 45.25
C MET A 493 -4.02 7.97 46.48
N GLN A 494 -2.70 7.94 46.29
CA GLN A 494 -1.77 8.09 47.40
C GLN A 494 -1.88 9.49 48.01
N GLN A 495 -2.13 10.49 47.16
CA GLN A 495 -2.32 11.85 47.62
C GLN A 495 -3.70 12.06 48.22
N ASP A 496 -4.54 11.02 48.17
CA ASP A 496 -5.91 11.09 48.64
C ASP A 496 -6.69 12.14 47.85
N TRP A 497 -6.42 12.22 46.56
CA TRP A 497 -7.19 13.05 45.65
C TRP A 497 -8.39 12.30 45.13
N GLY A 498 -9.42 13.02 44.71
CA GLY A 498 -10.51 12.42 43.97
C GLY A 498 -10.00 12.08 42.59
N LEU A 499 -10.56 11.06 41.96
CA LEU A 499 -10.11 10.62 40.65
C LEU A 499 -11.25 10.29 39.70
N ILE A 500 -11.11 10.72 38.46
CA ILE A 500 -12.00 10.33 37.38
C ILE A 500 -11.15 9.94 36.18
N ASP A 501 -11.45 8.78 35.60
CA ASP A 501 -10.67 8.24 34.49
C ASP A 501 -11.58 7.97 33.30
N ILE A 502 -11.36 8.72 32.21
CA ILE A 502 -12.18 8.59 31.01
C ILE A 502 -11.39 7.91 29.89
N ASN A 503 -11.91 6.79 29.40
CA ASN A 503 -11.31 6.11 28.26
C ASN A 503 -11.98 6.54 26.95
N ILE A 504 -11.19 7.18 26.08
CA ILE A 504 -11.66 7.60 24.77
C ILE A 504 -11.83 6.39 23.85
N PRO A 505 -12.91 6.37 23.05
CA PRO A 505 -13.10 5.27 22.09
C PRO A 505 -12.34 5.48 20.79
N GLU A 506 -12.19 4.42 19.99
CA GLU A 506 -11.53 4.50 18.70
C GLU A 506 -12.56 4.31 17.59
N VAL A 507 -12.11 4.37 16.34
CA VAL A 507 -13.00 4.25 15.19
C VAL A 507 -13.77 2.92 15.22
N ASP A 517 -16.48 13.71 13.61
CA ASP A 517 -17.04 12.38 13.76
C ASP A 517 -16.61 11.75 15.08
N ILE A 518 -15.36 11.26 15.12
CA ILE A 518 -14.85 10.61 16.32
C ILE A 518 -14.51 11.66 17.37
N LEU A 519 -14.09 12.83 16.92
CA LEU A 519 -13.79 13.94 17.82
C LEU A 519 -15.06 14.48 18.47
N SER A 520 -16.17 14.33 17.76
CA SER A 520 -17.47 14.77 18.28
C SER A 520 -17.80 14.01 19.56
N GLU A 521 -17.56 12.70 19.54
CA GLU A 521 -17.86 11.85 20.68
C GLU A 521 -16.93 12.17 21.84
N VAL A 522 -15.68 12.53 21.53
CA VAL A 522 -14.69 12.87 22.55
C VAL A 522 -15.05 14.17 23.25
N LYS A 523 -15.46 15.17 22.47
CA LYS A 523 -15.83 16.45 23.03
C LYS A 523 -17.09 16.36 23.88
N GLU A 524 -18.05 15.56 23.42
CA GLU A 524 -19.33 15.44 24.12
C GLU A 524 -19.18 14.69 25.45
N LEU A 525 -18.32 13.67 25.46
CA LEU A 525 -18.12 12.87 26.67
C LEU A 525 -17.43 13.69 27.76
N CYS A 526 -16.51 14.56 27.36
CA CYS A 526 -15.82 15.44 28.30
C CYS A 526 -16.80 16.45 28.92
N LEU A 527 -17.71 16.98 28.09
CA LEU A 527 -18.71 17.93 28.56
C LEU A 527 -19.69 17.24 29.51
N TYR A 528 -20.08 16.02 29.15
CA TYR A 528 -21.01 15.24 29.96
C TYR A 528 -20.48 15.02 31.36
N VAL A 529 -19.24 14.52 31.44
CA VAL A 529 -18.60 14.26 32.73
C VAL A 529 -18.44 15.56 33.53
N TRP A 530 -18.14 16.66 32.84
CA TRP A 530 -17.99 17.95 33.52
C TRP A 530 -19.30 18.41 34.11
N ASP A 531 -20.35 18.48 33.29
CA ASP A 531 -21.64 19.01 33.72
C ASP A 531 -22.29 18.17 34.81
N ASN A 532 -22.09 16.86 34.75
CA ASN A 532 -22.82 15.93 35.61
C ASN A 532 -22.08 15.52 36.88
N TYR A 533 -20.76 15.57 36.87
CA TYR A 533 -19.96 15.05 37.99
C TYR A 533 -18.91 16.03 38.51
N VAL A 534 -18.07 16.54 37.63
CA VAL A 534 -16.97 17.41 38.04
C VAL A 534 -17.49 18.77 38.52
N GLU A 535 -18.39 19.36 37.74
CA GLU A 535 -18.97 20.65 38.08
C GLU A 535 -19.63 20.64 39.46
N LEU A 536 -20.34 19.56 39.75
CA LEU A 536 -21.14 19.45 40.97
C LEU A 536 -20.35 18.92 42.16
N SER A 537 -19.05 18.79 42.01
CA SER A 537 -18.20 18.29 43.09
C SER A 537 -17.77 19.43 44.02
N ILE A 538 -17.06 19.07 45.08
CA ILE A 538 -16.67 20.02 46.12
C ILE A 538 -15.27 20.57 45.87
N SER A 539 -14.48 19.84 45.10
CA SER A 539 -13.08 20.17 44.85
C SER A 539 -12.85 21.62 44.47
N LYS A 540 -11.93 22.28 45.18
CA LYS A 540 -11.54 23.65 44.86
C LYS A 540 -10.42 23.68 43.83
N ASN A 541 -9.66 22.57 43.77
CA ASN A 541 -8.53 22.45 42.86
C ASN A 541 -8.66 21.27 41.91
N ILE A 542 -9.02 21.56 40.66
CA ILE A 542 -9.22 20.53 39.64
C ILE A 542 -8.06 20.49 38.67
N PHE A 543 -7.63 19.28 38.32
CA PHE A 543 -6.55 19.07 37.36
C PHE A 543 -7.01 18.19 36.21
N PHE A 544 -6.48 18.46 35.01
CA PHE A 544 -6.76 17.64 33.83
C PHE A 544 -5.46 17.14 33.20
N ILE A 545 -5.41 15.85 32.92
CA ILE A 545 -4.31 15.25 32.16
C ILE A 545 -4.89 14.55 30.94
N GLY A 546 -4.48 15.02 29.76
CA GLY A 546 -4.97 14.49 28.50
C GLY A 546 -3.90 13.72 27.74
N GLY A 547 -4.33 12.77 26.91
CA GLY A 547 -3.42 12.03 26.07
C GLY A 547 -3.97 11.91 24.65
N GLY A 548 -3.16 12.33 23.68
CA GLY A 548 -3.54 12.22 22.28
C GLY A 548 -4.74 13.07 21.92
N LYS A 549 -5.75 12.42 21.34
CA LYS A 549 -6.95 13.12 20.86
C LYS A 549 -7.77 13.70 21.99
N ALA A 550 -7.41 13.37 23.23
CA ALA A 550 -8.07 13.93 24.40
C ALA A 550 -7.93 15.45 24.44
N VAL A 551 -6.93 15.96 23.74
CA VAL A 551 -6.68 17.40 23.71
C VAL A 551 -7.87 18.15 23.12
N HIS A 552 -8.52 17.54 22.12
CA HIS A 552 -9.69 18.15 21.49
C HIS A 552 -10.83 18.33 22.49
N GLY A 553 -10.96 17.36 23.40
CA GLY A 553 -12.01 17.41 24.40
C GLY A 553 -11.73 18.42 25.49
N LEU A 554 -10.45 18.56 25.87
CA LEU A 554 -10.07 19.46 26.95
C LEU A 554 -10.10 20.93 26.51
N VAL A 555 -9.55 21.24 25.34
CA VAL A 555 -9.55 22.61 24.85
C VAL A 555 -10.99 23.07 24.56
N ASN A 556 -11.82 22.14 24.09
CA ASN A 556 -13.21 22.45 23.82
C ASN A 556 -13.98 22.68 25.11
N LEU A 557 -13.56 21.99 26.17
CA LEU A 557 -14.16 22.17 27.48
C LEU A 557 -13.81 23.55 28.04
N ALA A 558 -12.55 23.94 27.89
CA ALA A 558 -12.09 25.24 28.37
C ALA A 558 -12.75 26.39 27.63
N SER A 559 -13.25 26.10 26.43
CA SER A 559 -13.88 27.11 25.59
C SER A 559 -15.39 27.13 25.74
N SER A 560 -15.94 26.10 26.37
CA SER A 560 -17.40 25.91 26.44
C SER A 560 -17.96 26.07 27.85
N ARG A 561 -17.08 26.07 28.85
CA ARG A 561 -17.50 26.18 30.25
C ARG A 561 -16.61 27.13 31.03
N ASN A 562 -17.13 27.67 32.13
CA ASN A 562 -16.35 28.55 32.99
C ASN A 562 -15.46 27.74 33.94
N VAL A 563 -14.27 27.40 33.45
CA VAL A 563 -13.34 26.55 34.18
C VAL A 563 -12.28 27.35 34.92
N SER A 564 -12.21 28.65 34.64
CA SER A 564 -11.16 29.50 35.19
C SER A 564 -11.14 29.52 36.72
N ASP A 565 -12.29 29.26 37.32
CA ASP A 565 -12.41 29.31 38.77
C ASP A 565 -11.65 28.19 39.47
N ARG A 566 -11.94 26.95 39.09
CA ARG A 566 -11.52 25.79 39.87
C ARG A 566 -10.43 24.96 39.21
N VAL A 567 -10.32 25.03 37.89
CA VAL A 567 -9.30 24.27 37.17
C VAL A 567 -7.96 24.99 37.26
N LYS A 568 -6.97 24.30 37.82
CA LYS A 568 -5.67 24.92 38.08
C LYS A 568 -4.64 24.64 36.99
N CYS A 569 -4.79 23.51 36.30
CA CYS A 569 -3.87 23.17 35.21
C CYS A 569 -4.45 22.10 34.29
N MET A 570 -4.12 22.20 33.01
CA MET A 570 -4.56 21.24 32.00
C MET A 570 -3.37 20.71 31.22
N VAL A 571 -2.91 19.52 31.60
CA VAL A 571 -1.77 18.90 30.94
C VAL A 571 -2.23 18.12 29.72
N ASN A 572 -1.43 18.18 28.65
CA ASN A 572 -1.73 17.43 27.43
C ASN A 572 -0.48 16.81 26.82
N PHE A 573 -0.46 15.48 26.78
CA PHE A 573 0.59 14.73 26.12
C PHE A 573 0.13 14.42 24.69
N LEU A 574 0.49 15.28 23.75
CA LEU A 574 0.02 15.16 22.38
C LEU A 574 0.45 13.85 21.73
N GLY A 575 1.74 13.54 21.80
CA GLY A 575 2.27 12.40 21.10
C GLY A 575 2.27 12.67 19.60
N THR A 576 1.65 11.78 18.83
CA THR A 576 1.62 11.92 17.39
C THR A 576 0.43 12.76 16.92
N GLU A 577 -0.36 13.27 17.87
CA GLU A 577 -1.50 14.12 17.53
C GLU A 577 -1.03 15.53 17.16
N PRO A 578 -1.52 16.08 16.03
CA PRO A 578 -1.16 17.45 15.68
C PRO A 578 -1.66 18.46 16.72
N LEU A 579 -0.87 19.51 16.96
CA LEU A 579 -1.21 20.53 17.94
C LEU A 579 -2.49 21.27 17.55
N VAL A 580 -3.36 21.48 18.53
CA VAL A 580 -4.57 22.30 18.34
C VAL A 580 -4.76 23.18 19.56
N GLY A 581 -5.44 24.31 19.36
CA GLY A 581 -5.67 25.27 20.42
C GLY A 581 -7.14 25.63 20.57
N LEU A 582 -7.41 26.65 21.38
CA LEU A 582 -8.77 27.08 21.66
C LEU A 582 -9.47 27.59 20.41
N LYS A 583 -10.79 27.45 20.39
CA LYS A 583 -11.63 28.04 19.36
C LYS A 583 -12.70 28.90 20.02
N THR A 584 -12.39 30.17 20.24
CA THR A 584 -13.27 31.07 20.97
C THR A 584 -13.22 32.49 20.40
N ALA A 585 -14.23 33.27 20.71
CA ALA A 585 -14.28 34.68 20.31
C ALA A 585 -13.52 35.55 21.31
N SER A 586 -13.28 35.02 22.51
CA SER A 586 -12.52 35.74 23.53
C SER A 586 -11.10 35.98 23.04
N GLU A 587 -10.80 37.24 22.74
CA GLU A 587 -9.53 37.60 22.13
C GLU A 587 -8.39 37.72 23.14
N GLU A 588 -8.72 38.00 24.40
CA GLU A 588 -7.71 38.30 25.42
C GLU A 588 -7.76 37.40 26.65
N ASP A 589 -8.87 37.47 27.39
CA ASP A 589 -8.96 36.83 28.70
C ASP A 589 -8.75 35.32 28.66
N LEU A 590 -9.51 34.62 27.83
CA LEU A 590 -9.48 33.16 27.81
C LEU A 590 -8.14 32.60 27.32
N PRO A 591 -7.63 33.09 26.17
CA PRO A 591 -6.35 32.54 25.70
C PRO A 591 -5.20 32.78 26.68
N THR A 592 -5.27 33.89 27.41
CA THR A 592 -4.25 34.20 28.41
C THR A 592 -4.31 33.20 29.56
N TRP A 593 -5.52 32.89 30.02
CA TRP A 593 -5.70 31.95 31.13
C TRP A 593 -5.21 30.56 30.76
N TYR A 594 -5.56 30.10 29.56
CA TYR A 594 -5.19 28.76 29.11
C TYR A 594 -3.68 28.63 29.01
N TYR A 595 -3.02 29.68 28.52
CA TYR A 595 -1.56 29.68 28.40
C TYR A 595 -0.90 29.59 29.77
N ARG A 596 -1.51 30.24 30.76
CA ARG A 596 -0.94 30.29 32.10
C ARG A 596 -1.35 29.12 32.98
N HIS A 597 -2.26 28.29 32.48
CA HIS A 597 -2.76 27.14 33.24
C HIS A 597 -2.75 25.88 32.38
N SER A 598 -1.63 25.61 31.71
CA SER A 598 -1.52 24.43 30.87
C SER A 598 -0.09 23.99 30.63
N LEU A 599 0.08 22.71 30.32
CA LEU A 599 1.33 22.15 29.85
C LEU A 599 1.05 21.28 28.63
N VAL A 600 1.50 21.72 27.47
CA VAL A 600 1.27 21.00 26.22
C VAL A 600 2.59 20.44 25.69
N PHE A 601 2.82 19.15 25.91
CA PHE A 601 4.06 18.52 25.51
C PHE A 601 4.04 18.16 24.03
N VAL A 602 5.07 18.59 23.31
CA VAL A 602 5.15 18.44 21.87
C VAL A 602 6.43 17.73 21.46
N SER A 603 6.33 16.86 20.47
CA SER A 603 7.49 16.16 19.92
C SER A 603 8.16 17.00 18.85
N SER A 604 9.40 16.65 18.51
CA SER A 604 10.15 17.38 17.49
C SER A 604 9.61 17.11 16.09
N SER A 605 8.77 16.09 15.97
CA SER A 605 8.21 15.69 14.68
C SER A 605 6.69 15.87 14.64
N ASN A 606 6.17 16.77 15.47
CA ASN A 606 4.75 17.09 15.42
C ASN A 606 4.42 17.82 14.12
N GLU A 607 3.19 17.72 13.66
CA GLU A 607 2.79 18.32 12.38
C GLU A 607 2.75 19.84 12.42
N CYS A 608 2.82 20.41 13.62
CA CYS A 608 2.77 21.86 13.77
C CYS A 608 4.08 22.52 13.37
N TRP A 609 5.09 21.72 13.07
CA TRP A 609 6.41 22.25 12.73
C TRP A 609 6.58 22.46 11.23
N LYS A 610 5.59 22.07 10.44
CA LYS A 610 5.65 22.23 8.99
C LYS A 610 5.22 23.63 8.58
N LYS A 611 4.44 24.29 9.44
CA LYS A 611 4.11 25.71 9.26
C LYS A 611 4.12 26.39 10.63
N ALA A 612 5.29 26.41 11.25
CA ALA A 612 5.43 26.89 12.61
C ALA A 612 5.80 28.37 12.63
N LYS A 613 4.80 29.22 12.42
CA LYS A 613 5.00 30.66 12.32
C LYS A 613 4.31 31.39 13.47
N ARG A 614 3.10 30.93 13.82
CA ARG A 614 2.28 31.61 14.80
C ARG A 614 2.56 31.14 16.23
N ALA A 615 2.87 32.09 17.10
CA ALA A 615 3.02 31.82 18.53
C ALA A 615 1.83 32.40 19.29
N LYS A 616 0.76 31.61 19.41
CA LYS A 616 -0.46 32.06 20.05
C LYS A 616 -0.61 31.47 21.45
N ARG A 617 -1.23 32.24 22.34
CA ARG A 617 -1.49 31.80 23.70
C ARG A 617 -2.52 30.69 23.74
N ARG A 618 -3.45 30.71 22.80
CA ARG A 618 -4.56 29.75 22.79
C ARG A 618 -4.09 28.35 22.41
N TYR A 619 -2.83 28.23 22.01
CA TYR A 619 -2.22 26.91 21.80
C TYR A 619 -1.72 26.35 23.13
N GLY A 620 -1.65 27.21 24.14
CA GLY A 620 -1.19 26.81 25.46
C GLY A 620 0.31 26.90 25.59
N ARG A 621 0.83 26.70 26.79
CA ARG A 621 2.27 26.72 27.01
C ARG A 621 2.90 25.46 26.43
N LEU A 622 3.61 25.61 25.33
CA LEU A 622 4.23 24.49 24.65
C LEU A 622 5.51 24.05 25.37
N MET A 623 5.64 22.75 25.57
CA MET A 623 6.77 22.17 26.28
C MET A 623 7.44 21.12 25.39
N GLN A 624 8.76 21.04 25.45
CA GLN A 624 9.48 20.12 24.58
C GLN A 624 9.56 18.73 25.19
N SER A 625 9.37 17.72 24.34
CA SER A 625 9.45 16.32 24.75
C SER A 625 10.35 15.57 23.77
N GLU A 626 11.16 14.66 24.31
CA GLU A 626 12.06 13.87 23.49
C GLU A 626 11.33 12.72 22.78
N HIS A 627 10.11 12.45 23.25
CA HIS A 627 9.39 11.25 22.84
C HIS A 627 8.24 11.56 21.90
N THR A 628 8.06 10.70 20.90
CA THR A 628 7.08 10.92 19.85
C THR A 628 5.72 10.30 20.20
N GLU A 629 5.74 9.28 21.05
CA GLU A 629 4.53 8.57 21.43
C GLU A 629 3.95 9.07 22.75
N THR A 630 2.62 9.15 22.81
CA THR A 630 1.93 9.58 24.02
C THR A 630 2.29 8.71 25.22
N SER A 631 2.38 7.40 24.99
CA SER A 631 2.69 6.45 26.06
C SER A 631 4.04 6.74 26.69
N ASP A 632 5.02 7.07 25.87
CA ASP A 632 6.36 7.38 26.37
C ASP A 632 6.40 8.74 27.04
N MET A 633 5.58 9.68 26.56
CA MET A 633 5.47 10.99 27.18
C MET A 633 4.98 10.85 28.62
N MET A 634 3.91 10.10 28.79
CA MET A 634 3.28 9.92 30.11
C MET A 634 4.22 9.28 31.11
N GLU A 635 4.97 8.27 30.65
CA GLU A 635 5.85 7.52 31.53
C GLU A 635 7.07 8.34 31.94
N GLN A 636 7.61 9.09 30.99
CA GLN A 636 8.88 9.79 31.20
C GLN A 636 8.68 11.15 31.87
N HIS A 637 7.59 11.83 31.55
CA HIS A 637 7.30 13.13 32.14
C HIS A 637 6.51 12.99 33.45
N TYR A 638 6.37 11.75 33.92
CA TYR A 638 5.59 11.46 35.11
C TYR A 638 6.09 12.20 36.35
N ARG A 639 7.39 12.08 36.64
CA ARG A 639 7.94 12.72 37.82
C ARG A 639 7.81 14.24 37.75
N ALA A 640 8.29 14.82 36.66
CA ALA A 640 8.30 16.28 36.50
C ALA A 640 6.90 16.88 36.58
N VAL A 641 5.93 16.19 35.99
CA VAL A 641 4.55 16.69 35.95
C VAL A 641 3.87 16.57 37.31
N THR A 642 4.07 15.45 37.99
CA THR A 642 3.45 15.26 39.30
C THR A 642 3.96 16.29 40.31
N GLN A 643 5.28 16.52 40.31
CA GLN A 643 5.86 17.49 41.23
C GLN A 643 5.40 18.91 40.90
N TYR A 644 5.21 19.18 39.61
CA TYR A 644 4.78 20.51 39.18
C TYR A 644 3.37 20.83 39.69
N LEU A 645 2.49 19.84 39.64
CA LEU A 645 1.11 20.03 40.06
C LEU A 645 0.99 20.16 41.57
N LEU A 646 1.88 19.48 42.31
CA LEU A 646 1.90 19.61 43.76
C LEU A 646 2.32 21.01 44.19
N HIS A 647 3.33 21.55 43.52
CA HIS A 647 3.83 22.89 43.85
C HIS A 647 2.78 23.97 43.56
N LEU A 648 1.87 23.70 42.63
CA LEU A 648 0.81 24.64 42.32
C LEU A 648 -0.17 24.79 43.49
N LEU A 649 -0.28 23.74 44.30
CA LEU A 649 -1.15 23.78 45.47
C LEU A 649 -0.49 24.53 46.63
N GLN A 650 0.81 24.80 46.50
CA GLN A 650 1.57 25.52 47.52
C GLN A 650 1.52 24.79 48.85
ZN ZN B . -1.45 0.83 -19.50
K K C . -2.85 -18.26 -13.12
ZN ZN D . 0.77 -0.57 -37.02
K K E . -0.36 -4.38 -14.68
N NO3 F . 9.54 1.51 -44.01
O1 NO3 F . 9.81 2.74 -43.39
O2 NO3 F . 10.54 0.54 -44.12
O3 NO3 F . 8.27 1.27 -44.55
N NO3 G . 20.45 2.37 -5.66
O1 NO3 G . 20.61 1.78 -4.40
O2 NO3 G . 21.12 1.86 -6.78
O3 NO3 G . 19.62 3.48 -5.78
N NO3 H . 1.27 -21.87 2.38
O1 NO3 H . 2.44 -22.46 2.87
O2 NO3 H . 0.59 -22.46 1.31
O3 NO3 H . 0.78 -20.71 2.97
C1 EDO I . 9.34 1.09 4.64
O1 EDO I . 8.82 -0.01 5.40
C2 EDO I . 10.24 0.56 3.52
O2 EDO I . 11.12 1.60 3.09
H11 EDO I . 8.53 1.67 4.22
H12 EDO I . 9.93 1.74 5.30
HO1 EDO I . 8.26 0.33 6.11
H21 EDO I . 10.81 -0.30 3.88
H22 EDO I . 9.62 0.23 2.68
HO2 EDO I . 11.69 1.26 2.38
C1 EDO J . -5.41 2.87 34.33
O1 EDO J . -5.34 1.72 35.18
C2 EDO J . -6.87 3.16 33.98
O2 EDO J . -6.91 4.08 32.88
H11 EDO J . -4.97 3.73 34.84
H12 EDO J . -4.84 2.70 33.42
HO1 EDO J . -4.41 1.53 35.39
H21 EDO J . -7.38 3.59 34.85
H22 EDO J . -7.37 2.24 33.71
HO2 EDO J . -7.83 4.27 32.66
C1 EDO K . 2.13 7.88 -27.31
O1 EDO K . 0.80 8.01 -26.79
C2 EDO K . 2.47 9.09 -28.15
O2 EDO K . 1.40 9.40 -29.05
H11 EDO K . 2.84 7.78 -26.49
H12 EDO K . 2.19 6.97 -27.92
HO1 EDO K . 0.59 7.24 -26.25
H21 EDO K . 3.38 8.90 -28.73
H22 EDO K . 2.67 9.95 -27.50
HO2 EDO K . 1.62 10.17 -29.58
S SO4 L . -3.81 34.71 21.06
O1 SO4 L . -2.43 35.00 21.47
O2 SO4 L . -4.70 35.71 21.66
O3 SO4 L . -4.20 33.39 21.52
O4 SO4 L . -3.91 34.78 19.61
MG MG M . -18.56 -11.22 20.15
#